data_5IGH
#
_entry.id   5IGH
#
_cell.length_a   84.100
_cell.length_b   84.100
_cell.length_c   98.370
_cell.angle_alpha   90.00
_cell.angle_beta   90.00
_cell.angle_gamma   120.00
#
_symmetry.space_group_name_H-M   'P 32 2 1'
#
loop_
_entity.id
_entity.type
_entity.pdbx_description
1 polymer "Macrolide 2'-phosphotransferase"
2 non-polymer 'SULFATE ION'
3 water water
#
_entity_poly.entity_id   1
_entity_poly.type   'polypeptide(L)'
_entity_poly.pdbx_seq_one_letter_code
;(MSE)TVVTTADTSQLYALAARHGLKLHGPLTVNELGLDYRIVIATVDDGRRWVLRIPRRAEVSAKVEPEARVLA(MSE)
LKNRLPFAVPDWRVANAELVAYP(MSE)LEDSTA(MSE)VIQPGSSTPDWVVPQDSEVFAESFATALAALHAVPISAAVD
AG(MSE)LIRTPTQARQKVADDVDRVRREFVVNDKRLHRWQRWLDDDSSWPDFSVVVHGDLYVGHVLIDNTERVSG
(MSE)IDWSEARVDDPAID(MSE)AAHL(MSE)VFGEEGLAKLLLTYEAAGGRVWPRLAHHIAERLAFGAVTYALFALDS
GNEEYLAAAKAQLAAAE
;
_entity_poly.pdbx_strand_id   A
#
# COMPACT_ATOMS: atom_id res chain seq x y z
N THR A 2 9.22 -23.94 9.42
CA THR A 2 8.73 -25.23 9.93
C THR A 2 8.07 -26.03 8.82
N VAL A 3 7.94 -27.33 9.04
N VAL A 3 7.95 -27.33 9.03
CA VAL A 3 7.38 -28.25 8.04
CA VAL A 3 7.38 -28.19 8.00
C VAL A 3 5.86 -28.08 7.95
C VAL A 3 5.87 -27.99 7.92
N VAL A 4 5.35 -28.08 6.72
CA VAL A 4 3.92 -28.03 6.50
C VAL A 4 3.41 -29.46 6.63
N THR A 5 2.40 -29.69 7.45
CA THR A 5 1.92 -31.05 7.68
C THR A 5 1.40 -31.70 6.42
N THR A 6 1.31 -33.03 6.44
N THR A 6 1.32 -33.03 6.47
CA THR A 6 0.83 -33.74 5.27
CA THR A 6 0.82 -33.79 5.34
C THR A 6 -0.61 -33.34 4.94
C THR A 6 -0.59 -33.34 4.95
N ALA A 7 -1.46 -33.19 5.94
CA ALA A 7 -2.86 -32.83 5.69
C ALA A 7 -2.96 -31.42 5.09
N ASP A 8 -2.19 -30.49 5.64
CA ASP A 8 -2.25 -29.08 5.19
C ASP A 8 -1.72 -29.06 3.76
N THR A 9 -0.64 -29.79 3.52
CA THR A 9 -0.05 -29.85 2.19
C THR A 9 -1.04 -30.38 1.17
N SER A 10 -1.71 -31.48 1.49
N SER A 10 -1.74 -31.47 1.47
CA SER A 10 -2.69 -32.06 0.59
CA SER A 10 -2.67 -32.03 0.49
C SER A 10 -3.80 -31.05 0.27
C SER A 10 -3.93 -31.17 0.29
N GLN A 11 -4.29 -30.38 1.30
CA GLN A 11 -5.36 -29.41 1.13
C GLN A 11 -4.93 -28.27 0.22
N LEU A 12 -3.70 -27.78 0.42
CA LEU A 12 -3.18 -26.69 -0.39
C LEU A 12 -2.97 -27.16 -1.83
N TYR A 13 -2.44 -28.38 -2.02
CA TYR A 13 -2.30 -28.93 -3.37
C TYR A 13 -3.66 -28.99 -4.06
N ALA A 14 -4.69 -29.39 -3.32
CA ALA A 14 -6.02 -29.53 -3.91
C ALA A 14 -6.63 -28.18 -4.28
N LEU A 15 -6.40 -27.16 -3.44
CA LEU A 15 -6.89 -25.82 -3.75
C LEU A 15 -6.25 -25.34 -5.05
N ALA A 16 -4.94 -25.46 -5.17
CA ALA A 16 -4.25 -25.05 -6.38
C ALA A 16 -4.81 -25.85 -7.54
N ALA A 17 -4.97 -27.16 -7.33
CA ALA A 17 -5.36 -28.03 -8.42
C ALA A 17 -6.72 -27.70 -8.99
N ARG A 18 -7.66 -27.26 -8.15
CA ARG A 18 -8.98 -26.96 -8.70
C ARG A 18 -9.02 -25.67 -9.52
N HIS A 19 -7.93 -24.91 -9.45
CA HIS A 19 -7.73 -23.75 -10.31
C HIS A 19 -6.72 -23.97 -11.42
N GLY A 20 -6.37 -25.24 -11.64
CA GLY A 20 -5.50 -25.57 -12.75
C GLY A 20 -4.00 -25.51 -12.50
N LEU A 21 -3.60 -25.35 -11.24
CA LEU A 21 -2.19 -25.26 -10.89
C LEU A 21 -1.78 -26.58 -10.31
N LYS A 22 -0.84 -27.24 -10.99
CA LYS A 22 -0.33 -28.52 -10.55
C LYS A 22 0.98 -28.24 -9.80
N LEU A 23 0.97 -28.40 -8.49
CA LEU A 23 2.15 -28.11 -7.69
C LEU A 23 3.08 -29.30 -7.63
N HIS A 24 4.34 -28.99 -7.30
N HIS A 24 4.36 -29.06 -7.37
CA HIS A 24 5.40 -29.98 -7.17
CA HIS A 24 5.23 -30.17 -7.01
C HIS A 24 6.28 -29.64 -5.96
C HIS A 24 6.31 -29.71 -6.06
N GLY A 25 6.75 -30.65 -5.23
CA GLY A 25 7.71 -30.40 -4.18
C GLY A 25 7.14 -29.75 -2.95
N PRO A 26 8.01 -29.40 -2.00
CA PRO A 26 7.56 -28.88 -0.72
C PRO A 26 7.00 -27.46 -0.82
N LEU A 27 6.12 -27.14 0.12
CA LEU A 27 5.53 -25.82 0.24
C LEU A 27 6.26 -24.99 1.29
N THR A 28 6.29 -23.69 1.07
CA THR A 28 6.71 -22.75 2.08
C THR A 28 5.53 -21.85 2.38
N VAL A 29 5.21 -21.71 3.66
CA VAL A 29 4.09 -20.91 4.07
C VAL A 29 4.58 -19.68 4.85
N ASN A 30 4.07 -18.51 4.45
CA ASN A 30 4.29 -17.27 5.18
C ASN A 30 2.99 -16.85 5.82
N GLU A 31 2.98 -16.84 7.15
CA GLU A 31 1.77 -16.44 7.91
C GLU A 31 1.77 -15.00 8.35
N LEU A 32 2.66 -14.16 7.82
CA LEU A 32 2.76 -12.76 8.27
C LEU A 32 1.82 -11.77 7.57
N GLY A 33 0.88 -12.26 6.77
CA GLY A 33 -0.15 -11.40 6.18
C GLY A 33 -1.42 -11.47 7.01
N LEU A 34 -1.99 -10.30 7.30
CA LEU A 34 -3.22 -10.27 8.08
C LEU A 34 -4.43 -10.78 7.30
N ASP A 35 -4.47 -10.52 6.00
CA ASP A 35 -5.67 -10.75 5.23
C ASP A 35 -5.59 -12.03 4.38
N TYR A 36 -4.37 -12.48 4.07
CA TYR A 36 -4.22 -13.67 3.26
C TYR A 36 -3.12 -14.54 3.85
N ARG A 37 -3.32 -15.86 3.76
CA ARG A 37 -2.26 -16.81 3.99
C ARG A 37 -1.46 -16.89 2.69
N ILE A 38 -0.14 -16.93 2.80
CA ILE A 38 0.73 -17.01 1.64
C ILE A 38 1.41 -18.35 1.54
N VAL A 39 1.32 -18.97 0.37
CA VAL A 39 2.01 -20.23 0.09
C VAL A 39 2.88 -20.03 -1.12
N ILE A 40 4.14 -20.41 -1.00
CA ILE A 40 5.05 -20.36 -2.13
C ILE A 40 5.29 -21.81 -2.58
N ALA A 41 5.07 -22.07 -3.85
CA ALA A 41 5.14 -23.43 -4.37
C ALA A 41 5.75 -23.43 -5.77
N THR A 42 6.26 -24.56 -6.17
CA THR A 42 6.73 -24.72 -7.54
C THR A 42 5.64 -25.36 -8.36
N VAL A 43 5.43 -24.82 -9.56
CA VAL A 43 4.38 -25.31 -10.41
C VAL A 43 5.00 -26.09 -11.56
N ASP A 44 4.11 -26.59 -12.40
CA ASP A 44 4.46 -27.58 -13.37
C ASP A 44 5.68 -27.19 -14.23
N ASP A 45 5.77 -25.92 -14.61
CA ASP A 45 6.88 -25.48 -15.46
C ASP A 45 8.17 -25.12 -14.71
N GLY A 46 8.26 -25.47 -13.43
CA GLY A 46 9.47 -25.22 -12.67
C GLY A 46 9.54 -23.83 -12.03
N ARG A 47 8.60 -22.98 -12.40
N ARG A 47 8.57 -23.00 -12.36
CA ARG A 47 8.55 -21.65 -11.81
CA ARG A 47 8.49 -21.63 -11.86
C ARG A 47 7.95 -21.77 -10.43
C ARG A 47 7.77 -21.58 -10.51
N ARG A 48 8.32 -20.83 -9.55
CA ARG A 48 7.65 -20.70 -8.27
C ARG A 48 6.49 -19.72 -8.46
N TRP A 49 5.40 -20.05 -7.78
CA TRP A 49 4.21 -19.21 -7.76
C TRP A 49 3.87 -18.87 -6.33
N VAL A 50 3.18 -17.74 -6.17
CA VAL A 50 2.62 -17.30 -4.91
C VAL A 50 1.13 -17.58 -4.93
N LEU A 51 0.66 -18.27 -3.89
N LEU A 51 0.65 -18.18 -3.84
CA LEU A 51 -0.73 -18.47 -3.63
CA LEU A 51 -0.76 -18.48 -3.64
C LEU A 51 -1.07 -17.56 -2.46
C LEU A 51 -1.25 -17.73 -2.40
N ARG A 52 -2.12 -16.76 -2.63
CA ARG A 52 -2.63 -15.89 -1.59
C ARG A 52 -4.05 -16.32 -1.30
N ILE A 53 -4.27 -16.83 -0.10
CA ILE A 53 -5.53 -17.43 0.26
C ILE A 53 -6.27 -16.53 1.24
N PRO A 54 -7.39 -15.95 0.79
CA PRO A 54 -8.11 -15.02 1.69
C PRO A 54 -8.47 -15.70 3.01
N ARG A 55 -8.27 -14.98 4.12
CA ARG A 55 -8.56 -15.51 5.44
C ARG A 55 -10.01 -15.36 5.90
N ARG A 56 -10.76 -14.43 5.32
CA ARG A 56 -12.11 -14.10 5.80
C ARG A 56 -12.98 -13.68 4.65
N ALA A 57 -14.28 -13.72 4.84
CA ALA A 57 -15.20 -13.40 3.76
C ALA A 57 -15.02 -11.99 3.26
N GLU A 58 -14.75 -11.05 4.16
CA GLU A 58 -14.59 -9.66 3.72
C GLU A 58 -13.40 -9.54 2.82
N VAL A 59 -12.39 -10.40 2.99
CA VAL A 59 -11.24 -10.35 2.09
C VAL A 59 -11.61 -11.00 0.77
N SER A 60 -12.26 -12.17 0.82
CA SER A 60 -12.73 -12.80 -0.40
C SER A 60 -13.60 -11.88 -1.27
N ALA A 61 -14.46 -11.10 -0.62
CA ALA A 61 -15.40 -10.25 -1.34
C ALA A 61 -14.74 -9.10 -2.08
N LYS A 62 -13.50 -8.76 -1.69
N LYS A 62 -13.51 -8.75 -1.72
CA LYS A 62 -12.81 -7.65 -2.31
CA LYS A 62 -12.85 -7.64 -2.37
C LYS A 62 -11.92 -8.08 -3.50
C LYS A 62 -11.82 -8.08 -3.41
N VAL A 63 -11.71 -9.38 -3.65
CA VAL A 63 -10.84 -9.87 -4.72
C VAL A 63 -11.31 -9.36 -6.08
N GLU A 64 -12.59 -9.58 -6.41
CA GLU A 64 -13.05 -9.15 -7.74
C GLU A 64 -12.96 -7.62 -7.93
N PRO A 65 -13.44 -6.84 -6.95
CA PRO A 65 -13.31 -5.37 -7.08
C PRO A 65 -11.85 -4.94 -7.22
N GLU A 66 -10.95 -5.56 -6.46
CA GLU A 66 -9.55 -5.17 -6.57
C GLU A 66 -8.94 -5.58 -7.92
N ALA A 67 -9.36 -6.74 -8.44
CA ALA A 67 -8.86 -7.18 -9.75
C ALA A 67 -9.30 -6.21 -10.85
N ARG A 68 -10.49 -5.66 -10.69
N ARG A 68 -10.49 -5.64 -10.71
CA ARG A 68 -11.05 -4.69 -11.61
CA ARG A 68 -11.00 -4.67 -11.68
C ARG A 68 -10.16 -3.46 -11.65
C ARG A 68 -10.17 -3.40 -11.67
N VAL A 69 -9.76 -2.96 -10.47
CA VAL A 69 -8.87 -1.82 -10.36
C VAL A 69 -7.53 -2.12 -11.01
N LEU A 70 -6.95 -3.28 -10.70
CA LEU A 70 -5.66 -3.65 -11.28
C LEU A 70 -5.71 -3.72 -12.80
N ALA A 71 -6.82 -4.20 -13.36
CA ALA A 71 -6.92 -4.28 -14.80
C ALA A 71 -6.92 -2.90 -15.44
N LEU A 73 -5.53 -0.20 -14.06
CA LEU A 73 -4.22 0.41 -13.81
C LEU A 73 -3.19 -0.12 -14.79
N LYS A 74 -3.27 -1.42 -15.09
CA LYS A 74 -2.29 -2.03 -15.98
C LYS A 74 -2.29 -1.27 -17.30
N ASN A 75 -3.49 -0.97 -17.76
N ASN A 75 -3.46 -0.93 -17.81
CA ASN A 75 -3.77 -0.25 -18.99
CA ASN A 75 -3.55 -0.26 -19.10
C ASN A 75 -3.20 1.17 -18.97
C ASN A 75 -3.33 1.27 -19.03
N ARG A 76 -3.37 1.85 -17.84
CA ARG A 76 -3.13 3.30 -17.71
C ARG A 76 -1.76 3.72 -17.19
N LEU A 77 -0.96 2.79 -16.67
CA LEU A 77 0.34 3.18 -16.09
C LEU A 77 1.52 2.67 -16.89
N PRO A 78 2.64 3.40 -16.83
CA PRO A 78 3.88 3.05 -17.55
C PRO A 78 4.80 2.13 -16.75
N PHE A 79 4.36 1.68 -15.59
CA PHE A 79 5.11 0.73 -14.79
C PHE A 79 4.16 -0.41 -14.41
N ALA A 80 4.69 -1.46 -13.81
CA ALA A 80 3.91 -2.66 -13.54
C ALA A 80 3.04 -2.56 -12.30
N VAL A 81 1.91 -3.26 -12.35
CA VAL A 81 1.10 -3.55 -11.16
C VAL A 81 0.88 -5.06 -11.09
N PRO A 82 0.38 -5.54 -9.94
CA PRO A 82 0.20 -6.99 -9.77
C PRO A 82 -0.68 -7.56 -10.86
N ASP A 83 -0.27 -8.73 -11.34
CA ASP A 83 -0.95 -9.45 -12.41
C ASP A 83 -1.46 -10.77 -11.84
N TRP A 84 -2.70 -10.71 -11.35
CA TRP A 84 -3.33 -11.84 -10.69
C TRP A 84 -3.85 -12.85 -11.72
N ARG A 85 -3.07 -13.89 -11.98
CA ARG A 85 -3.42 -14.86 -13.01
C ARG A 85 -4.62 -15.71 -12.59
N VAL A 86 -4.71 -16.01 -11.30
CA VAL A 86 -5.92 -16.52 -10.69
C VAL A 86 -6.42 -15.43 -9.77
N ALA A 87 -7.69 -15.09 -9.90
CA ALA A 87 -8.30 -14.02 -9.10
C ALA A 87 -9.72 -14.40 -8.75
N ASN A 88 -9.92 -15.15 -7.69
N ASN A 88 -9.84 -15.10 -7.62
CA ASN A 88 -11.27 -15.38 -7.25
CA ASN A 88 -11.01 -15.83 -7.17
C ASN A 88 -11.33 -15.44 -5.75
C ASN A 88 -11.28 -15.54 -5.69
N ALA A 89 -12.53 -15.63 -5.24
CA ALA A 89 -12.80 -15.51 -3.82
C ALA A 89 -12.00 -16.45 -2.95
N GLU A 90 -11.57 -17.59 -3.46
N GLU A 90 -11.61 -17.58 -3.57
CA GLU A 90 -10.81 -18.50 -2.59
CA GLU A 90 -10.89 -18.69 -2.92
C GLU A 90 -9.33 -18.58 -2.94
C GLU A 90 -9.37 -18.53 -2.94
N LEU A 91 -8.87 -17.82 -3.94
CA LEU A 91 -7.44 -17.84 -4.30
C LEU A 91 -7.05 -16.72 -5.25
N VAL A 92 -6.00 -16.00 -4.89
CA VAL A 92 -5.27 -15.12 -5.78
C VAL A 92 -3.93 -15.77 -6.01
N ALA A 93 -3.49 -15.87 -7.26
CA ALA A 93 -2.21 -16.53 -7.53
C ALA A 93 -1.50 -15.95 -8.72
N TYR A 94 -0.18 -15.95 -8.64
CA TYR A 94 0.67 -15.43 -9.70
C TYR A 94 2.08 -15.93 -9.54
N PRO A 95 2.84 -15.90 -10.64
CA PRO A 95 4.27 -16.22 -10.55
C PRO A 95 5.00 -15.30 -9.59
N LEU A 97 7.55 -12.86 -7.97
CA LEU A 97 8.19 -11.66 -8.53
C LEU A 97 9.70 -11.82 -8.56
N GLU A 98 10.35 -11.35 -9.62
CA GLU A 98 11.81 -11.35 -9.64
C GLU A 98 12.37 -10.02 -9.12
N ASP A 99 11.61 -8.91 -9.23
CA ASP A 99 12.06 -7.65 -8.66
C ASP A 99 11.72 -7.59 -7.18
N SER A 100 12.55 -6.93 -6.38
CA SER A 100 12.10 -6.73 -5.03
C SER A 100 11.72 -5.28 -4.81
N THR A 101 11.41 -5.01 -3.57
CA THR A 101 10.92 -3.71 -3.19
C THR A 101 12.05 -2.79 -2.76
N ALA A 102 11.76 -1.49 -2.75
CA ALA A 102 12.75 -0.47 -2.41
C ALA A 102 13.07 -0.44 -0.92
N VAL A 104 13.05 -3.63 1.95
CA VAL A 104 12.84 -5.03 2.26
C VAL A 104 13.01 -5.23 3.76
N ILE A 105 11.98 -5.78 4.40
CA ILE A 105 11.96 -5.99 5.84
C ILE A 105 11.72 -7.45 6.07
N GLN A 106 12.60 -8.08 6.84
CA GLN A 106 12.47 -9.50 7.16
C GLN A 106 12.36 -9.71 8.66
N PRO A 107 11.62 -10.75 9.06
CA PRO A 107 11.63 -11.12 10.48
C PRO A 107 13.00 -11.66 10.88
N GLY A 108 13.30 -11.54 12.17
CA GLY A 108 14.54 -12.06 12.69
C GLY A 108 15.54 -10.93 12.88
N SER A 109 16.36 -11.05 13.90
CA SER A 109 17.36 -10.04 14.20
C SER A 109 18.54 -10.03 13.23
N SER A 110 18.85 -11.18 12.62
CA SER A 110 20.10 -11.34 11.88
C SER A 110 19.90 -11.24 10.39
N THR A 111 18.66 -11.39 9.96
CA THR A 111 18.32 -11.43 8.53
C THR A 111 18.43 -10.01 7.96
N PRO A 112 18.89 -9.89 6.70
CA PRO A 112 19.16 -8.56 6.16
C PRO A 112 17.95 -7.81 5.69
N ASP A 113 17.75 -6.63 6.26
CA ASP A 113 16.80 -5.69 5.73
C ASP A 113 17.54 -4.83 4.71
N TRP A 114 16.81 -4.16 3.84
CA TRP A 114 17.45 -3.33 2.83
C TRP A 114 16.56 -2.13 2.54
N VAL A 115 17.19 -0.99 2.33
CA VAL A 115 16.47 0.22 1.97
C VAL A 115 17.31 0.99 0.98
N VAL A 116 16.69 1.42 -0.12
CA VAL A 116 17.38 2.17 -1.14
C VAL A 116 18.05 3.40 -0.48
N PRO A 117 19.26 3.75 -0.93
CA PRO A 117 19.97 4.87 -0.31
C PRO A 117 19.27 6.19 -0.51
N GLN A 118 19.40 7.08 0.48
CA GLN A 118 18.94 8.47 0.36
C GLN A 118 19.52 9.10 -0.91
N ASP A 119 20.77 8.78 -1.23
CA ASP A 119 21.43 9.45 -2.35
C ASP A 119 21.29 8.73 -3.69
N SER A 120 20.32 7.82 -3.82
CA SER A 120 20.09 7.22 -5.12
C SER A 120 19.25 8.16 -5.95
N GLU A 121 19.89 8.85 -6.88
CA GLU A 121 19.19 9.77 -7.76
C GLU A 121 18.31 9.03 -8.75
N VAL A 122 18.75 7.83 -9.14
CA VAL A 122 17.96 7.03 -10.08
C VAL A 122 16.62 6.67 -9.44
N PHE A 123 16.64 6.24 -8.19
CA PHE A 123 15.37 5.94 -7.52
C PHE A 123 14.52 7.20 -7.34
N ALA A 124 15.13 8.25 -6.80
CA ALA A 124 14.40 9.46 -6.48
C ALA A 124 13.68 9.99 -7.72
N GLU A 125 14.41 10.13 -8.83
CA GLU A 125 13.82 10.68 -10.04
C GLU A 125 12.75 9.77 -10.64
N SER A 126 13.02 8.46 -10.68
N SER A 126 13.06 8.48 -10.67
CA SER A 126 12.05 7.53 -11.26
CA SER A 126 12.14 7.47 -11.19
C SER A 126 10.81 7.40 -10.38
C SER A 126 10.85 7.46 -10.39
N PHE A 127 10.97 7.52 -9.07
CA PHE A 127 9.79 7.49 -8.20
C PHE A 127 8.91 8.73 -8.43
N ALA A 128 9.53 9.91 -8.47
CA ALA A 128 8.76 11.13 -8.68
C ALA A 128 8.01 11.10 -10.01
N THR A 129 8.70 10.62 -11.04
N THR A 129 8.66 10.60 -11.05
CA THR A 129 8.12 10.53 -12.38
CA THR A 129 8.02 10.60 -12.36
C THR A 129 6.96 9.54 -12.41
C THR A 129 6.97 9.50 -12.50
N ALA A 130 7.15 8.39 -11.77
CA ALA A 130 6.12 7.38 -11.69
C ALA A 130 4.90 7.89 -10.91
N LEU A 131 5.15 8.63 -9.83
CA LEU A 131 4.06 9.15 -9.05
C LEU A 131 3.24 10.18 -9.86
N ALA A 132 3.92 11.04 -10.63
CA ALA A 132 3.21 11.98 -11.49
C ALA A 132 2.33 11.22 -12.47
N ALA A 133 2.82 10.09 -12.98
CA ALA A 133 2.06 9.31 -13.94
C ALA A 133 0.79 8.73 -13.29
N LEU A 134 0.95 8.20 -12.08
CA LEU A 134 -0.21 7.70 -11.35
C LEU A 134 -1.24 8.80 -11.14
N HIS A 135 -0.77 9.97 -10.69
CA HIS A 135 -1.69 11.07 -10.36
C HIS A 135 -2.33 11.73 -11.58
N ALA A 136 -1.81 11.39 -12.77
CA ALA A 136 -2.37 11.82 -14.03
C ALA A 136 -3.45 10.87 -14.60
N VAL A 137 -3.66 9.72 -13.95
CA VAL A 137 -4.73 8.81 -14.40
C VAL A 137 -6.06 9.54 -14.33
N PRO A 138 -6.83 9.53 -15.42
CA PRO A 138 -8.09 10.27 -15.38
C PRO A 138 -9.05 9.75 -14.32
N ILE A 139 -9.74 10.67 -13.65
CA ILE A 139 -10.72 10.28 -12.66
C ILE A 139 -11.83 9.46 -13.32
N SER A 140 -12.11 9.71 -14.60
CA SER A 140 -13.12 8.91 -15.29
C SER A 140 -12.77 7.44 -15.34
N ALA A 141 -11.47 7.14 -15.35
CA ALA A 141 -11.02 5.76 -15.39
C ALA A 141 -11.20 5.12 -14.02
N ALA A 142 -11.03 5.92 -12.96
CA ALA A 142 -11.33 5.46 -11.62
C ALA A 142 -12.82 5.13 -11.48
N VAL A 143 -13.68 5.97 -12.05
CA VAL A 143 -15.10 5.70 -12.05
C VAL A 143 -15.40 4.40 -12.79
N ASP A 144 -14.76 4.22 -13.94
CA ASP A 144 -14.94 3.01 -14.73
C ASP A 144 -14.57 1.76 -13.94
N ALA A 145 -13.58 1.89 -13.06
CA ALA A 145 -13.08 0.75 -12.31
C ALA A 145 -13.81 0.54 -10.96
N GLY A 146 -14.85 1.31 -10.68
CA GLY A 146 -15.61 1.13 -9.46
C GLY A 146 -14.94 1.65 -8.21
N LEU A 148 -13.60 4.29 -5.13
CA LEU A 148 -14.04 5.34 -4.22
C LEU A 148 -13.51 6.67 -4.69
N ILE A 149 -14.41 7.63 -4.86
CA ILE A 149 -14.10 8.95 -5.36
C ILE A 149 -14.46 10.00 -4.31
N ARG A 150 -13.47 10.76 -3.86
CA ARG A 150 -13.70 11.88 -2.97
C ARG A 150 -13.39 13.20 -3.64
N THR A 151 -14.31 14.14 -3.50
CA THR A 151 -14.02 15.52 -3.83
C THR A 151 -13.07 16.09 -2.79
N PRO A 152 -12.47 17.26 -3.08
CA PRO A 152 -11.60 17.87 -2.09
C PRO A 152 -12.33 18.13 -0.78
N THR A 153 -13.60 18.53 -0.83
CA THR A 153 -14.37 18.73 0.38
C THR A 153 -14.52 17.42 1.19
N GLN A 154 -14.85 16.33 0.49
CA GLN A 154 -14.92 15.01 1.11
C GLN A 154 -13.58 14.51 1.64
N ALA A 155 -12.50 14.82 0.94
CA ALA A 155 -11.17 14.44 1.38
C ALA A 155 -10.86 15.03 2.77
N ARG A 156 -11.16 16.31 2.93
CA ARG A 156 -10.88 17.00 4.17
C ARG A 156 -11.85 16.53 5.25
N GLN A 157 -13.10 16.28 4.89
CA GLN A 157 -14.05 15.72 5.85
C GLN A 157 -13.71 14.32 6.36
N LYS A 158 -13.13 13.49 5.48
CA LYS A 158 -12.68 12.18 5.91
C LYS A 158 -11.63 12.31 6.99
N VAL A 159 -10.67 13.22 6.80
CA VAL A 159 -9.65 13.44 7.84
C VAL A 159 -10.32 13.87 9.15
N ALA A 160 -11.27 14.79 9.07
CA ALA A 160 -11.99 15.25 10.26
C ALA A 160 -12.72 14.09 10.93
N ASP A 161 -13.43 13.28 10.15
CA ASP A 161 -14.13 12.13 10.72
C ASP A 161 -13.18 11.15 11.39
N ASP A 162 -12.02 10.93 10.79
CA ASP A 162 -11.06 10.01 11.37
C ASP A 162 -10.50 10.54 12.68
N VAL A 163 -10.23 11.85 12.74
CA VAL A 163 -9.77 12.45 13.99
C VAL A 163 -10.86 12.30 15.07
N ASP A 164 -12.11 12.53 14.71
CA ASP A 164 -13.19 12.38 15.68
C ASP A 164 -13.29 10.95 16.18
N ARG A 165 -13.13 10.00 15.26
CA ARG A 165 -13.24 8.61 15.63
C ARG A 165 -12.12 8.24 16.62
N VAL A 166 -10.89 8.68 16.34
N VAL A 166 -10.88 8.65 16.36
CA VAL A 166 -9.76 8.37 17.20
CA VAL A 166 -9.81 8.28 17.27
C VAL A 166 -9.91 8.99 18.59
C VAL A 166 -9.94 8.97 18.63
N ARG A 167 -10.48 10.19 18.64
CA ARG A 167 -10.76 10.85 19.91
C ARG A 167 -11.75 10.04 20.75
N ARG A 168 -12.75 9.47 20.09
CA ARG A 168 -13.78 8.71 20.79
C ARG A 168 -13.23 7.40 21.34
N GLU A 169 -12.22 6.85 20.69
CA GLU A 169 -11.78 5.48 20.95
C GLU A 169 -10.42 5.37 21.65
N PHE A 170 -9.67 6.46 21.69
CA PHE A 170 -8.33 6.42 22.24
C PHE A 170 -7.99 7.60 23.14
N VAL A 171 -7.03 7.39 24.02
CA VAL A 171 -6.39 8.48 24.72
C VAL A 171 -5.31 9.07 23.81
N VAL A 172 -5.37 10.37 23.61
CA VAL A 172 -4.48 11.01 22.67
C VAL A 172 -3.72 12.16 23.30
N ASN A 173 -2.42 12.21 23.06
CA ASN A 173 -1.58 13.31 23.50
C ASN A 173 -2.20 14.63 23.03
N ASP A 174 -2.36 15.57 23.95
CA ASP A 174 -3.04 16.84 23.65
C ASP A 174 -2.42 17.58 22.47
N LYS A 175 -1.09 17.64 22.43
CA LYS A 175 -0.44 18.40 21.37
C LYS A 175 -0.62 17.73 20.01
N ARG A 176 -0.60 16.39 19.97
CA ARG A 176 -0.99 15.68 18.75
C ARG A 176 -2.35 16.09 18.24
N LEU A 177 -3.34 16.00 19.12
CA LEU A 177 -4.70 16.35 18.73
C LEU A 177 -4.78 17.77 18.19
N HIS A 178 -4.18 18.72 18.91
CA HIS A 178 -4.25 20.12 18.50
C HIS A 178 -3.59 20.32 17.14
N ARG A 179 -2.52 19.59 16.88
CA ARG A 179 -1.85 19.68 15.59
C ARG A 179 -2.82 19.31 14.47
N TRP A 180 -3.52 18.19 14.63
CA TRP A 180 -4.43 17.76 13.58
C TRP A 180 -5.56 18.74 13.41
N GLN A 181 -6.03 19.31 14.52
CA GLN A 181 -7.16 20.22 14.45
C GLN A 181 -6.79 21.52 13.75
N ARG A 182 -5.61 22.06 14.07
N ARG A 182 -5.61 22.05 14.05
CA ARG A 182 -5.10 23.25 13.42
CA ARG A 182 -5.14 23.26 13.38
C ARG A 182 -4.95 23.04 11.92
C ARG A 182 -4.94 23.04 11.90
N TRP A 183 -4.43 21.87 11.55
CA TRP A 183 -4.28 21.54 10.16
C TRP A 183 -5.62 21.54 9.44
N LEU A 184 -6.60 20.88 10.05
CA LEU A 184 -7.93 20.80 9.45
C LEU A 184 -8.54 22.18 9.23
N ASP A 185 -8.21 23.12 10.11
CA ASP A 185 -8.77 24.47 10.04
C ASP A 185 -7.99 25.43 9.13
N ASP A 186 -6.85 24.98 8.59
CA ASP A 186 -5.97 25.83 7.81
C ASP A 186 -6.26 25.75 6.32
N ASP A 187 -7.12 26.65 5.83
CA ASP A 187 -7.61 26.53 4.46
C ASP A 187 -6.46 26.50 3.45
N SER A 188 -5.39 27.24 3.74
CA SER A 188 -4.27 27.37 2.81
C SER A 188 -3.57 26.04 2.52
N SER A 189 -3.72 25.08 3.42
CA SER A 189 -2.98 23.83 3.29
C SER A 189 -3.62 22.88 2.26
N TRP A 190 -4.94 22.97 2.14
CA TRP A 190 -5.75 21.94 1.48
C TRP A 190 -5.85 22.14 -0.02
N PRO A 191 -5.73 21.06 -0.79
CA PRO A 191 -5.85 21.19 -2.24
C PRO A 191 -7.30 21.38 -2.70
N ASP A 192 -7.48 21.99 -3.86
N ASP A 192 -7.42 21.96 -3.89
CA ASP A 192 -8.85 22.13 -4.38
CA ASP A 192 -8.71 22.22 -4.52
C ASP A 192 -9.13 21.15 -5.53
C ASP A 192 -8.96 21.23 -5.67
N PHE A 193 -8.36 20.05 -5.55
CA PHE A 193 -8.58 18.99 -6.50
C PHE A 193 -8.19 17.69 -5.82
N SER A 194 -8.69 16.58 -6.37
CA SER A 194 -8.27 15.24 -5.98
C SER A 194 -7.66 14.56 -7.19
N VAL A 195 -6.96 13.45 -6.95
CA VAL A 195 -6.38 12.65 -8.01
C VAL A 195 -6.47 11.17 -7.64
N VAL A 196 -6.24 10.31 -8.62
CA VAL A 196 -6.04 8.89 -8.32
C VAL A 196 -4.81 8.69 -7.46
N VAL A 197 -5.00 8.13 -6.27
CA VAL A 197 -3.90 7.85 -5.35
C VAL A 197 -3.79 6.36 -5.08
N HIS A 198 -2.56 5.93 -4.80
CA HIS A 198 -2.29 4.58 -4.38
C HIS A 198 -2.90 4.31 -3.00
N GLY A 199 -2.67 5.22 -2.06
CA GLY A 199 -3.28 5.19 -0.75
C GLY A 199 -2.49 4.52 0.36
N ASP A 200 -1.50 3.73 0.01
CA ASP A 200 -0.61 3.10 1.00
C ASP A 200 0.79 3.01 0.44
N LEU A 201 1.27 4.17 0.00
CA LEU A 201 2.47 4.20 -0.81
C LEU A 201 3.70 4.60 0.02
N TYR A 202 4.58 3.63 0.17
CA TYR A 202 5.89 3.86 0.78
C TYR A 202 6.84 2.89 0.08
N VAL A 203 8.14 2.99 0.40
CA VAL A 203 9.13 2.24 -0.34
C VAL A 203 8.93 0.74 -0.32
N GLY A 204 8.33 0.25 0.75
CA GLY A 204 8.04 -1.17 0.84
C GLY A 204 7.00 -1.70 -0.13
N HIS A 205 6.31 -0.77 -0.80
CA HIS A 205 5.33 -1.13 -1.81
C HIS A 205 5.77 -0.67 -3.21
N VAL A 206 7.04 -0.30 -3.37
CA VAL A 206 7.54 0.14 -4.66
C VAL A 206 8.54 -0.91 -5.15
N LEU A 207 8.30 -1.47 -6.33
CA LEU A 207 9.20 -2.43 -6.94
C LEU A 207 10.30 -1.67 -7.69
N ILE A 208 11.52 -2.20 -7.62
CA ILE A 208 12.64 -1.60 -8.34
C ILE A 208 13.40 -2.66 -9.12
N ASP A 209 14.07 -2.22 -10.17
CA ASP A 209 14.96 -3.13 -10.91
C ASP A 209 16.36 -3.05 -10.34
N ASN A 210 17.31 -3.76 -10.94
CA ASN A 210 18.63 -3.87 -10.36
C ASN A 210 19.45 -2.58 -10.47
N THR A 211 18.92 -1.57 -11.16
CA THR A 211 19.55 -0.25 -11.21
C THR A 211 18.90 0.75 -10.21
N GLU A 212 17.90 0.27 -9.46
CA GLU A 212 17.14 1.09 -8.50
C GLU A 212 16.09 1.98 -9.15
N ARG A 213 15.79 1.71 -10.41
N ARG A 213 15.78 1.69 -10.41
CA ARG A 213 14.71 2.41 -11.08
CA ARG A 213 14.71 2.36 -11.10
C ARG A 213 13.37 1.77 -10.74
C ARG A 213 13.37 1.76 -10.70
N VAL A 214 12.37 2.61 -10.47
CA VAL A 214 11.03 2.08 -10.19
C VAL A 214 10.53 1.23 -11.34
N SER A 215 10.12 0.01 -11.03
CA SER A 215 9.60 -0.90 -12.04
C SER A 215 8.13 -1.24 -11.82
N GLY A 216 7.60 -0.86 -10.66
CA GLY A 216 6.21 -1.17 -10.38
C GLY A 216 5.79 -0.70 -9.00
N ILE A 218 2.94 -2.09 -5.73
CA ILE A 218 2.09 -3.18 -5.25
C ILE A 218 1.20 -2.68 -4.09
N ASP A 219 0.27 -3.53 -3.66
CA ASP A 219 -0.63 -3.32 -2.51
C ASP A 219 -1.58 -2.15 -2.78
N TRP A 220 -2.49 -2.38 -3.72
CA TRP A 220 -3.41 -1.33 -4.18
C TRP A 220 -4.77 -1.28 -3.50
N SER A 221 -4.94 -1.99 -2.40
N SER A 221 -4.93 -2.02 -2.41
CA SER A 221 -6.26 -2.13 -1.78
CA SER A 221 -6.23 -2.13 -1.73
C SER A 221 -6.87 -0.85 -1.21
C SER A 221 -6.88 -0.80 -1.36
N GLU A 222 -6.05 0.17 -0.99
CA GLU A 222 -6.54 1.46 -0.50
C GLU A 222 -6.62 2.51 -1.59
N ALA A 223 -6.41 2.12 -2.84
CA ALA A 223 -6.43 3.10 -3.92
C ALA A 223 -7.82 3.73 -4.05
N ARG A 224 -7.83 4.99 -4.46
CA ARG A 224 -9.05 5.79 -4.51
C ARG A 224 -8.71 7.11 -5.17
N VAL A 225 -9.71 7.98 -5.33
CA VAL A 225 -9.48 9.35 -5.76
C VAL A 225 -9.62 10.24 -4.53
N ASP A 226 -8.57 11.00 -4.22
CA ASP A 226 -8.43 11.67 -2.93
C ASP A 226 -7.24 12.67 -3.01
N ASP A 227 -6.85 13.16 -1.86
CA ASP A 227 -5.81 14.18 -1.72
C ASP A 227 -4.45 13.65 -2.21
N PRO A 228 -3.82 14.29 -3.22
CA PRO A 228 -2.54 13.76 -3.73
C PRO A 228 -1.46 13.59 -2.67
N ALA A 229 -1.49 14.44 -1.64
CA ALA A 229 -0.47 14.40 -0.61
C ALA A 229 -0.41 13.07 0.15
N ILE A 230 -1.51 12.31 0.12
CA ILE A 230 -1.55 10.99 0.72
C ILE A 230 -0.36 10.15 0.27
N ASP A 231 0.03 10.28 -1.00
CA ASP A 231 1.06 9.42 -1.57
C ASP A 231 2.49 9.94 -1.41
N ALA A 233 3.51 11.39 1.86
CA ALA A 233 3.81 11.43 3.28
C ALA A 233 4.93 10.45 3.64
N ALA A 234 4.86 9.24 3.10
CA ALA A 234 5.86 8.23 3.50
C ALA A 234 7.21 8.52 2.85
N HIS A 235 7.22 9.28 1.76
CA HIS A 235 8.49 9.67 1.16
C HIS A 235 9.21 10.63 2.10
N LEU A 236 8.48 11.59 2.65
CA LEU A 236 9.02 12.47 3.68
C LEU A 236 9.52 11.67 4.90
N VAL A 238 10.71 8.65 5.09
CA VAL A 238 11.91 7.84 4.86
C VAL A 238 13.09 8.69 4.42
N PHE A 239 12.84 9.74 3.64
CA PHE A 239 13.92 10.48 2.99
C PHE A 239 14.10 11.91 3.48
N GLY A 240 13.23 12.36 4.38
CA GLY A 240 13.37 13.67 5.00
C GLY A 240 12.94 14.84 4.13
N GLU A 241 13.11 16.05 4.66
CA GLU A 241 12.67 17.26 3.98
C GLU A 241 13.39 17.49 2.64
N GLU A 242 14.68 17.20 2.56
N GLU A 242 14.68 17.19 2.58
CA GLU A 242 15.39 17.46 1.32
CA GLU A 242 15.44 17.43 1.35
C GLU A 242 14.95 16.44 0.27
C GLU A 242 14.97 16.44 0.28
N GLY A 243 14.69 15.21 0.71
CA GLY A 243 14.19 14.19 -0.18
C GLY A 243 12.84 14.59 -0.71
N LEU A 244 11.98 15.06 0.18
CA LEU A 244 10.70 15.59 -0.26
C LEU A 244 10.83 16.78 -1.21
N ALA A 245 11.73 17.75 -0.94
CA ALA A 245 11.84 18.92 -1.81
C ALA A 245 12.20 18.51 -3.22
N LYS A 246 13.09 17.53 -3.32
CA LYS A 246 13.54 17.02 -4.61
C LYS A 246 12.42 16.30 -5.31
N LEU A 247 11.66 15.52 -4.57
N LEU A 247 11.66 15.53 -4.57
CA LEU A 247 10.51 14.83 -5.13
CA LEU A 247 10.52 14.83 -5.14
C LEU A 247 9.58 15.86 -5.76
C LEU A 247 9.55 15.84 -5.75
N LEU A 248 9.30 16.93 -5.02
CA LEU A 248 8.32 17.90 -5.48
C LEU A 248 8.79 18.63 -6.74
N LEU A 249 10.08 18.96 -6.83
CA LEU A 249 10.59 19.59 -8.03
C LEU A 249 10.43 18.67 -9.24
N THR A 250 10.83 17.39 -9.10
CA THR A 250 10.75 16.46 -10.22
C THR A 250 9.31 16.13 -10.60
N TYR A 251 8.47 15.96 -9.59
CA TYR A 251 7.05 15.71 -9.79
C TYR A 251 6.40 16.83 -10.59
N GLU A 252 6.65 18.08 -10.21
CA GLU A 252 6.07 19.20 -10.91
C GLU A 252 6.59 19.25 -12.34
N ALA A 253 7.88 18.97 -12.51
CA ALA A 253 8.49 19.04 -13.83
C ALA A 253 7.95 17.95 -14.76
N ALA A 254 7.47 16.85 -14.18
CA ALA A 254 6.89 15.75 -14.92
C ALA A 254 5.40 15.96 -15.15
N GLY A 255 4.88 17.11 -14.75
CA GLY A 255 3.50 17.46 -14.99
C GLY A 255 2.57 17.39 -13.80
N GLY A 256 3.08 16.99 -12.64
CA GLY A 256 2.22 16.89 -11.48
C GLY A 256 1.75 18.24 -11.00
N ARG A 257 0.49 18.29 -10.57
CA ARG A 257 -0.12 19.53 -10.12
C ARG A 257 0.27 19.77 -8.66
N VAL A 258 0.81 20.95 -8.38
CA VAL A 258 1.20 21.27 -7.02
C VAL A 258 0.49 22.53 -6.58
N TRP A 259 0.75 22.93 -5.34
CA TRP A 259 0.26 24.21 -4.83
C TRP A 259 1.25 24.68 -3.79
N PRO A 260 1.18 25.96 -3.44
CA PRO A 260 2.30 26.52 -2.68
C PRO A 260 2.52 25.85 -1.33
N ARG A 261 1.46 25.44 -0.63
CA ARG A 261 1.61 24.83 0.69
C ARG A 261 1.69 23.30 0.65
N LEU A 262 1.95 22.73 -0.53
CA LEU A 262 1.98 21.27 -0.65
C LEU A 262 3.00 20.60 0.29
N ALA A 263 4.22 21.14 0.40
CA ALA A 263 5.19 20.48 1.26
C ALA A 263 4.72 20.51 2.72
N HIS A 264 4.16 21.64 3.12
CA HIS A 264 3.60 21.76 4.46
C HIS A 264 2.49 20.75 4.68
N HIS A 265 1.61 20.65 3.70
CA HIS A 265 0.46 19.75 3.77
C HIS A 265 0.90 18.29 3.93
N ILE A 266 1.95 17.91 3.17
CA ILE A 266 2.49 16.56 3.25
C ILE A 266 3.01 16.25 4.65
N ALA A 267 3.70 17.20 5.27
CA ALA A 267 4.16 17.00 6.63
C ALA A 267 3.00 16.79 7.59
N GLU A 268 1.91 17.54 7.40
CA GLU A 268 0.75 17.36 8.27
C GLU A 268 0.08 16.01 8.03
N ARG A 269 0.05 15.58 6.78
CA ARG A 269 -0.48 14.25 6.44
C ARG A 269 0.35 13.16 7.10
N LEU A 270 1.66 13.34 7.13
CA LEU A 270 2.50 12.36 7.79
C LEU A 270 2.16 12.26 9.28
N ALA A 271 1.98 13.42 9.93
CA ALA A 271 1.65 13.41 11.36
C ALA A 271 0.30 12.76 11.58
N PHE A 272 -0.61 12.92 10.63
CA PHE A 272 -1.93 12.28 10.68
C PHE A 272 -1.85 10.76 10.53
N GLY A 273 -0.72 10.24 10.04
CA GLY A 273 -0.56 8.79 9.92
C GLY A 273 -0.81 8.05 11.22
N ALA A 274 -0.57 8.69 12.36
CA ALA A 274 -0.82 8.03 13.62
C ALA A 274 -2.34 7.73 13.79
N VAL A 275 -3.19 8.59 13.24
CA VAL A 275 -4.63 8.36 13.30
C VAL A 275 -5.03 7.16 12.46
N THR A 276 -4.55 7.10 11.23
N THR A 276 -4.54 7.14 11.23
CA THR A 276 -4.95 6.01 10.36
CA THR A 276 -4.81 6.04 10.32
C THR A 276 -4.33 4.66 10.79
C THR A 276 -4.39 4.71 10.94
N TYR A 277 -3.15 4.69 11.41
CA TYR A 277 -2.56 3.47 11.96
C TYR A 277 -3.49 2.95 13.06
N ALA A 278 -3.93 3.85 13.92
CA ALA A 278 -4.76 3.49 15.06
C ALA A 278 -6.12 2.97 14.61
N LEU A 279 -6.71 3.55 13.58
CA LEU A 279 -8.04 3.08 13.18
C LEU A 279 -7.91 1.73 12.48
N PHE A 280 -6.86 1.56 11.69
CA PHE A 280 -6.65 0.26 11.04
C PHE A 280 -6.33 -0.82 12.07
N ALA A 281 -5.68 -0.42 13.16
CA ALA A 281 -5.41 -1.35 14.25
C ALA A 281 -6.71 -1.76 14.92
N LEU A 282 -7.55 -0.76 15.19
CA LEU A 282 -8.82 -0.98 15.86
C LEU A 282 -9.70 -1.93 15.05
N ASP A 283 -9.72 -1.76 13.74
CA ASP A 283 -10.58 -2.59 12.90
C ASP A 283 -10.00 -3.98 12.64
N SER A 284 -8.69 -4.14 12.82
CA SER A 284 -8.06 -5.43 12.60
C SER A 284 -8.36 -6.38 13.75
N GLY A 285 -8.58 -5.81 14.93
CA GLY A 285 -8.76 -6.61 16.13
C GLY A 285 -7.43 -7.09 16.69
N ASN A 286 -6.40 -7.21 15.83
CA ASN A 286 -5.09 -7.63 16.29
C ASN A 286 -4.69 -6.89 17.56
N GLU A 287 -4.23 -7.65 18.55
CA GLU A 287 -3.97 -7.09 19.86
C GLU A 287 -2.62 -6.38 19.91
N GLU A 288 -1.65 -6.91 19.17
CA GLU A 288 -0.32 -6.32 19.14
C GLU A 288 -0.33 -4.96 18.44
N TYR A 289 -0.75 -4.93 17.18
CA TYR A 289 -0.78 -3.69 16.41
C TYR A 289 -1.66 -2.66 17.12
N LEU A 290 -2.68 -3.13 17.83
CA LEU A 290 -3.52 -2.23 18.64
C LEU A 290 -2.75 -1.60 19.79
N ALA A 291 -2.01 -2.42 20.53
CA ALA A 291 -1.18 -1.93 21.63
C ALA A 291 -0.21 -0.88 21.14
N ALA A 292 0.41 -1.14 20.00
CA ALA A 292 1.33 -0.21 19.38
C ALA A 292 0.63 1.12 19.07
N ALA A 293 -0.57 1.03 18.53
CA ALA A 293 -1.30 2.24 18.14
C ALA A 293 -1.60 3.08 19.37
N LYS A 294 -2.00 2.42 20.45
CA LYS A 294 -2.33 3.12 21.70
C LYS A 294 -1.12 3.88 22.23
N ALA A 295 0.02 3.22 22.23
CA ALA A 295 1.24 3.83 22.74
C ALA A 295 1.66 5.05 21.91
N GLN A 296 1.51 4.94 20.59
CA GLN A 296 1.93 6.01 19.69
C GLN A 296 1.08 7.24 19.96
N LEU A 297 -0.23 7.05 20.03
CA LEU A 297 -1.16 8.17 20.19
C LEU A 297 -0.96 8.88 21.52
N ALA A 298 -0.61 8.11 22.54
CA ALA A 298 -0.47 8.66 23.89
C ALA A 298 0.80 9.47 24.00
N ALA A 299 1.81 9.09 23.22
CA ALA A 299 3.13 9.66 23.37
C ALA A 299 3.24 11.02 22.68
N ALA A 300 4.13 11.86 23.18
CA ALA A 300 4.49 13.08 22.48
C ALA A 300 5.09 12.71 21.16
N GLU A 301 4.91 13.59 20.19
CA GLU A 301 5.49 13.41 18.88
C GLU A 301 7.01 13.38 18.99
#